data_6L3Q
#
_entry.id   6L3Q
#
_cell.length_a   106.188
_cell.length_b   106.188
_cell.length_c   59.081
_cell.angle_alpha   90.000
_cell.angle_beta   90.000
_cell.angle_gamma   120.000
#
_symmetry.space_group_name_H-M   'P 32 2 1'
#
loop_
_entity.id
_entity.type
_entity.pdbx_description
1 polymer 'WD_REPEATS_REGION domain-containing protein'
2 water water
#
_entity_poly.entity_id   1
_entity_poly.type   'polypeptide(L)'
_entity_poly.pdbx_seq_one_letter_code
;SPKLKPWQKAFRQGRYAAAVDDVLNTTAPSYDPVIALTLLTALRHRSALREALQGRDELSVINILRWAGKYVADPRYRSI
CVDVAFHLIDLYAEHVGGSAELATQFQQLLAKVNREVEKAELAIVTGG(MSE)VESL(MSE)(MSE)SVEAQ
;
_entity_poly.pdbx_strand_id   A,B
#
# COMPACT_ATOMS: atom_id res chain seq x y z
N LEU A 4 -2.56 18.41 21.32
CA LEU A 4 -1.83 19.56 21.83
C LEU A 4 -0.91 20.26 20.81
N LYS A 5 -0.53 19.56 19.74
CA LYS A 5 0.32 20.21 18.72
C LYS A 5 -0.53 20.66 17.54
N PRO A 6 -0.06 21.68 16.78
CA PRO A 6 -0.89 22.21 15.69
C PRO A 6 -1.36 21.15 14.69
N TRP A 7 -0.49 20.22 14.29
CA TRP A 7 -0.90 19.16 13.37
C TRP A 7 -1.98 18.26 13.99
N GLN A 8 -1.95 18.09 15.31
CA GLN A 8 -2.96 17.28 15.98
C GLN A 8 -4.28 18.01 16.01
N LYS A 9 -4.25 19.31 16.34
CA LYS A 9 -5.46 20.13 16.35
C LYS A 9 -6.08 20.18 14.95
N ALA A 10 -5.27 20.50 13.95
CA ALA A 10 -5.73 20.50 12.57
C ALA A 10 -6.40 19.17 12.20
N PHE A 11 -5.89 18.08 12.76
CA PHE A 11 -6.37 16.76 12.43
C PHE A 11 -7.75 16.51 13.03
N ARG A 12 -7.85 16.69 14.35
CA ARG A 12 -9.12 16.47 15.04
C ARG A 12 -10.21 17.44 14.55
N GLN A 13 -9.77 18.64 14.12
CA GLN A 13 -10.65 19.63 13.51
C GLN A 13 -10.97 19.39 12.05
N GLY A 14 -10.50 18.26 11.50
CA GLY A 14 -10.73 17.88 10.11
C GLY A 14 -9.96 18.67 9.05
N ARG A 15 -9.04 19.54 9.46
CA ARG A 15 -8.20 20.24 8.50
C ARG A 15 -7.03 19.33 8.06
N TYR A 16 -7.42 18.20 7.46
CA TYR A 16 -6.51 17.13 7.06
C TYR A 16 -5.29 17.59 6.24
N ALA A 17 -5.52 18.38 5.20
CA ALA A 17 -4.43 18.90 4.35
C ALA A 17 -3.45 19.81 5.10
N ALA A 18 -3.97 20.55 6.07
CA ALA A 18 -3.15 21.47 6.86
C ALA A 18 -2.22 20.68 7.80
N ALA A 19 -2.74 19.58 8.33
CA ALA A 19 -1.93 18.71 9.17
C ALA A 19 -0.79 18.14 8.33
N VAL A 20 -1.10 17.72 7.11
CA VAL A 20 -0.09 17.19 6.21
C VAL A 20 0.98 18.22 5.94
N ASP A 21 0.58 19.42 5.52
CA ASP A 21 1.52 20.52 5.32
C ASP A 21 2.39 20.79 6.55
N ASP A 22 1.87 20.49 7.73
CA ASP A 22 2.64 20.68 8.95
C ASP A 22 3.70 19.64 9.11
N VAL A 23 3.29 18.39 9.04
CA VAL A 23 4.22 17.32 9.31
C VAL A 23 5.24 17.13 8.18
N LEU A 24 4.93 17.60 6.98
CA LEU A 24 5.86 17.45 5.85
C LEU A 24 6.75 18.65 5.64
N ASN A 25 6.70 19.61 6.56
CA ASN A 25 7.58 20.77 6.49
C ASN A 25 8.92 20.41 7.12
N THR A 26 9.89 20.03 6.29
CA THR A 26 11.17 19.49 6.76
C THR A 26 12.11 20.57 7.29
N THR A 27 11.81 21.82 6.99
CA THR A 27 12.63 22.93 7.48
C THR A 27 12.40 23.23 8.97
N ALA A 28 11.36 22.66 9.56
CA ALA A 28 10.99 22.94 10.95
C ALA A 28 11.87 22.18 11.93
N PRO A 29 12.21 22.83 13.06
CA PRO A 29 13.00 22.17 14.12
C PRO A 29 12.34 20.88 14.58
N SER A 30 11.03 20.80 14.49
CA SER A 30 10.33 19.65 15.05
C SER A 30 9.88 18.63 14.00
N TYR A 31 10.23 18.87 12.74
CA TYR A 31 9.99 17.88 11.71
C TYR A 31 10.45 16.49 12.16
N ASP A 32 9.58 15.51 12.00
CA ASP A 32 9.82 14.15 12.47
C ASP A 32 9.17 13.19 11.49
N PRO A 33 9.99 12.41 10.77
CA PRO A 33 9.43 11.43 9.82
C PRO A 33 8.41 10.52 10.51
N VAL A 34 8.67 10.14 11.77
CA VAL A 34 7.79 9.24 12.49
C VAL A 34 6.44 9.89 12.77
N ILE A 35 6.46 11.19 13.04
CA ILE A 35 5.23 11.94 13.21
C ILE A 35 4.45 12.02 11.92
N ALA A 36 5.14 12.32 10.82
CA ALA A 36 4.52 12.31 9.50
C ALA A 36 3.87 10.95 9.23
N LEU A 37 4.56 9.89 9.62
CA LEU A 37 4.07 8.54 9.35
C LEU A 37 2.79 8.30 10.16
N THR A 38 2.85 8.69 11.43
CA THR A 38 1.67 8.64 12.31
C THR A 38 0.46 9.37 11.72
N LEU A 39 0.67 10.61 11.27
CA LEU A 39 -0.41 11.36 10.67
C LEU A 39 -0.96 10.69 9.40
N LEU A 40 -0.06 10.42 8.45
CA LEU A 40 -0.45 9.85 7.15
C LEU A 40 -1.21 8.54 7.31
N THR A 41 -0.73 7.67 8.19
CA THR A 41 -1.44 6.43 8.41
C THR A 41 -2.78 6.72 9.06
N ALA A 42 -2.80 7.69 9.98
CA ALA A 42 -4.04 8.09 10.65
C ALA A 42 -5.13 8.52 9.64
N LEU A 43 -4.76 9.37 8.69
CA LEU A 43 -5.66 9.69 7.59
C LEU A 43 -6.13 8.45 6.82
N ARG A 44 -5.23 7.51 6.55
CA ARG A 44 -5.58 6.30 5.80
C ARG A 44 -6.63 5.48 6.54
N HIS A 45 -6.46 5.38 7.86
CA HIS A 45 -7.38 4.65 8.73
C HIS A 45 -8.75 5.33 8.79
N ARG A 46 -8.76 6.66 8.68
CA ARG A 46 -10.00 7.43 8.59
C ARG A 46 -10.51 7.57 7.16
N SER A 47 -9.88 6.88 6.21
CA SER A 47 -10.21 7.07 4.79
C SER A 47 -10.19 8.56 4.35
N ALA A 48 -9.20 9.31 4.86
CA ALA A 48 -9.10 10.76 4.62
C ALA A 48 -7.84 11.14 3.84
N LEU A 49 -7.00 10.15 3.51
CA LEU A 49 -5.71 10.41 2.87
C LEU A 49 -5.87 11.04 1.49
N ARG A 50 -6.82 10.53 0.70
CA ARG A 50 -7.04 11.07 -0.62
C ARG A 50 -7.47 12.53 -0.55
N GLU A 51 -8.25 12.84 0.48
CA GLU A 51 -8.81 14.16 0.66
C GLU A 51 -7.71 15.15 1.03
N ALA A 52 -6.78 14.70 1.86
CA ALA A 52 -5.67 15.53 2.30
C ALA A 52 -4.68 15.78 1.17
N LEU A 53 -4.69 14.91 0.16
CA LEU A 53 -3.74 14.98 -0.95
C LEU A 53 -4.35 15.66 -2.16
N GLN A 54 -5.68 15.75 -2.19
CA GLN A 54 -6.40 16.33 -3.33
C GLN A 54 -6.46 17.88 -3.29
N GLY A 55 -6.72 18.47 -4.45
CA GLY A 55 -6.92 19.91 -4.55
C GLY A 55 -5.68 20.74 -4.28
N ARG A 56 -4.52 20.21 -4.64
CA ARG A 56 -3.27 20.91 -4.40
C ARG A 56 -2.69 21.49 -5.68
N ASP A 57 -1.90 22.55 -5.56
CA ASP A 57 -1.18 23.07 -6.70
C ASP A 57 0.00 22.16 -7.07
N GLU A 58 0.57 22.42 -8.24
CA GLU A 58 1.60 21.60 -8.85
C GLU A 58 2.83 21.46 -7.93
N LEU A 59 3.22 22.57 -7.32
CA LEU A 59 4.44 22.63 -6.51
C LEU A 59 4.31 21.79 -5.25
N SER A 60 3.14 21.83 -4.63
CA SER A 60 2.88 20.99 -3.47
C SER A 60 2.92 19.51 -3.83
N VAL A 61 2.49 19.16 -5.04
CA VAL A 61 2.49 17.76 -5.44
C VAL A 61 3.93 17.27 -5.65
N ILE A 62 4.72 18.05 -6.38
CA ILE A 62 6.14 17.78 -6.57
C ILE A 62 6.86 17.57 -5.21
N ASN A 63 6.52 18.38 -4.23
CA ASN A 63 7.15 18.30 -2.91
C ASN A 63 6.77 17.08 -2.08
N ILE A 64 5.53 16.62 -2.24
CA ILE A 64 5.08 15.44 -1.51
C ILE A 64 5.68 14.18 -2.14
N LEU A 65 5.69 14.12 -3.47
CA LEU A 65 6.32 13.04 -4.20
C LEU A 65 7.78 12.91 -3.75
N ARG A 66 8.47 14.04 -3.78
CA ARG A 66 9.87 14.10 -3.35
C ARG A 66 10.07 13.64 -1.91
N TRP A 67 9.19 14.10 -1.01
CA TRP A 67 9.25 13.67 0.36
C TRP A 67 9.13 12.14 0.44
N ALA A 68 8.19 11.57 -0.32
CA ALA A 68 7.94 10.13 -0.24
C ALA A 68 9.12 9.29 -0.75
N GLY A 69 9.79 9.78 -1.79
CA GLY A 69 10.96 9.08 -2.33
C GLY A 69 12.06 8.83 -1.30
N LYS A 70 12.05 9.66 -0.26
CA LYS A 70 13.09 9.69 0.76
C LYS A 70 12.90 8.64 1.83
N TYR A 71 11.76 7.95 1.84
CA TYR A 71 11.45 7.00 2.91
C TYR A 71 10.91 5.69 2.40
N VAL A 72 10.50 5.67 1.12
CA VAL A 72 9.80 4.54 0.54
C VAL A 72 10.54 3.19 0.66
N ALA A 73 11.86 3.20 0.55
CA ALA A 73 12.60 1.95 0.70
C ALA A 73 12.67 1.46 2.15
N ASP A 74 12.46 2.35 3.12
CA ASP A 74 12.42 1.96 4.54
C ASP A 74 11.13 1.19 4.83
N PRO A 75 11.26 -0.05 5.34
CA PRO A 75 10.06 -0.87 5.55
C PRO A 75 9.02 -0.26 6.51
N ARG A 76 9.44 0.62 7.42
CA ARG A 76 8.49 1.32 8.28
C ARG A 76 7.59 2.24 7.46
N TYR A 77 8.15 2.89 6.45
CA TYR A 77 7.42 3.87 5.64
C TYR A 77 6.86 3.39 4.29
N ARG A 78 7.30 2.23 3.81
CA ARG A 78 7.00 1.79 2.42
C ARG A 78 5.51 1.81 2.08
N SER A 79 4.71 1.19 2.94
CA SER A 79 3.27 1.07 2.71
C SER A 79 2.63 2.42 2.46
N ILE A 80 2.86 3.37 3.37
CA ILE A 80 2.34 4.72 3.24
C ILE A 80 2.85 5.41 1.96
N CYS A 81 4.16 5.34 1.73
CA CYS A 81 4.75 6.03 0.61
C CYS A 81 4.19 5.52 -0.72
N VAL A 82 4.03 4.20 -0.83
CA VAL A 82 3.45 3.62 -2.05
C VAL A 82 2.01 4.12 -2.26
N ASP A 83 1.22 4.11 -1.19
CA ASP A 83 -0.13 4.66 -1.25
C ASP A 83 -0.15 6.10 -1.71
N VAL A 84 0.77 6.90 -1.18
CA VAL A 84 0.77 8.30 -1.52
C VAL A 84 1.01 8.43 -3.02
N ALA A 85 2.02 7.71 -3.52
CA ALA A 85 2.28 7.59 -4.96
C ALA A 85 0.99 7.31 -5.76
N PHE A 86 0.30 6.23 -5.43
CA PHE A 86 -0.91 5.86 -6.17
C PHE A 86 -2.01 6.90 -6.04
N HIS A 87 -2.29 7.33 -4.81
CA HIS A 87 -3.19 8.46 -4.59
C HIS A 87 -2.81 9.64 -5.48
N LEU A 88 -1.55 10.05 -5.45
CA LEU A 88 -1.15 11.19 -6.26
C LEU A 88 -1.29 10.92 -7.76
N ILE A 89 -0.90 9.72 -8.22
CA ILE A 89 -1.08 9.33 -9.61
C ILE A 89 -2.55 9.47 -10.03
N ASP A 90 -3.44 8.81 -9.31
CA ASP A 90 -4.88 8.87 -9.62
C ASP A 90 -5.40 10.31 -9.68
N LEU A 91 -5.08 11.10 -8.66
CA LEU A 91 -5.51 12.48 -8.60
C LEU A 91 -4.89 13.40 -9.67
N TYR A 92 -3.62 13.20 -10.00
CA TYR A 92 -2.91 14.23 -10.77
C TYR A 92 -2.31 13.82 -12.11
N ALA A 93 -2.24 12.52 -12.40
CA ALA A 93 -1.48 12.07 -13.58
C ALA A 93 -1.99 12.70 -14.87
N GLU A 94 -3.31 12.88 -14.99
CA GLU A 94 -3.94 13.47 -16.16
C GLU A 94 -3.45 14.88 -16.50
N HIS A 95 -3.05 15.64 -15.49
CA HIS A 95 -2.62 17.02 -15.69
C HIS A 95 -1.13 17.20 -15.99
N VAL A 96 -0.36 16.12 -16.09
CA VAL A 96 1.10 16.26 -16.23
C VAL A 96 1.54 16.69 -17.64
N GLY A 97 0.58 16.91 -18.54
CA GLY A 97 0.91 17.47 -19.84
C GLY A 97 1.42 18.89 -19.75
N GLY A 98 2.58 19.17 -20.35
CA GLY A 98 3.14 20.51 -20.33
C GLY A 98 3.68 20.89 -18.96
N SER A 99 3.85 19.88 -18.10
CA SER A 99 4.42 20.09 -16.78
C SER A 99 5.54 19.11 -16.56
N ALA A 100 6.66 19.32 -17.25
CA ALA A 100 7.78 18.38 -17.23
C ALA A 100 8.37 18.12 -15.84
N GLU A 101 8.43 19.16 -15.00
CA GLU A 101 9.00 19.01 -13.65
C GLU A 101 8.19 18.00 -12.85
N LEU A 102 6.86 18.10 -12.95
CA LEU A 102 5.92 17.22 -12.26
C LEU A 102 5.94 15.79 -12.82
N ALA A 103 5.98 15.69 -14.14
CA ALA A 103 6.11 14.40 -14.78
C ALA A 103 7.40 13.76 -14.29
N THR A 104 8.47 14.54 -14.31
CA THR A 104 9.77 14.06 -13.83
C THR A 104 9.68 13.54 -12.39
N GLN A 105 9.04 14.31 -11.52
CA GLN A 105 8.94 13.94 -10.12
C GLN A 105 8.12 12.68 -9.92
N PHE A 106 7.02 12.57 -10.66
CA PHE A 106 6.24 11.33 -10.67
C PHE A 106 7.10 10.15 -11.11
N GLN A 107 7.83 10.31 -12.21
CA GLN A 107 8.61 9.19 -12.73
C GLN A 107 9.63 8.66 -11.72
N GLN A 108 10.29 9.60 -11.04
CA GLN A 108 11.34 9.27 -10.10
C GLN A 108 10.81 8.53 -8.87
N LEU A 109 9.61 8.89 -8.43
CA LEU A 109 9.03 8.17 -7.32
C LEU A 109 8.64 6.77 -7.76
N LEU A 110 8.07 6.66 -8.95
CA LEU A 110 7.69 5.35 -9.49
C LEU A 110 8.89 4.46 -9.59
N ALA A 111 9.99 5.01 -10.10
CA ALA A 111 11.24 4.27 -10.26
C ALA A 111 11.63 3.53 -8.98
N LYS A 112 11.50 4.21 -7.84
CA LYS A 112 11.74 3.59 -6.54
C LYS A 112 10.68 2.53 -6.22
N VAL A 113 9.43 2.79 -6.54
CA VAL A 113 8.37 1.82 -6.24
C VAL A 113 8.66 0.57 -7.05
N ASN A 114 9.03 0.78 -8.31
CA ASN A 114 9.56 -0.28 -9.16
C ASN A 114 10.73 -1.06 -8.52
N ARG A 115 11.74 -0.31 -8.06
CA ARG A 115 12.90 -0.92 -7.41
C ARG A 115 12.47 -1.90 -6.30
N GLU A 116 11.48 -1.50 -5.49
CA GLU A 116 11.00 -2.35 -4.40
C GLU A 116 10.40 -3.64 -4.93
N VAL A 117 9.62 -3.55 -6.01
CA VAL A 117 9.02 -4.74 -6.61
C VAL A 117 10.11 -5.67 -7.16
N GLU A 118 11.06 -5.09 -7.88
CA GLU A 118 12.22 -5.83 -8.37
C GLU A 118 12.93 -6.61 -7.25
N LYS A 119 13.25 -5.93 -6.15
CA LYS A 119 13.93 -6.57 -5.00
C LYS A 119 13.16 -7.79 -4.49
N ALA A 120 11.83 -7.71 -4.48
CA ALA A 120 11.02 -8.83 -4.08
C ALA A 120 11.12 -9.98 -5.11
N GLU A 121 11.04 -9.65 -6.40
CA GLU A 121 11.26 -10.62 -7.47
C GLU A 121 12.58 -11.37 -7.25
N LEU A 122 13.62 -10.60 -6.94
CA LEU A 122 14.95 -11.14 -6.71
C LEU A 122 14.99 -12.07 -5.49
N ALA A 123 14.12 -11.81 -4.53
CA ALA A 123 14.06 -12.62 -3.34
C ALA A 123 13.44 -13.99 -3.64
N ILE A 124 12.54 -14.02 -4.63
CA ILE A 124 11.88 -15.26 -5.02
C ILE A 124 12.83 -16.13 -5.85
N VAL A 125 13.80 -15.49 -6.49
CA VAL A 125 14.73 -16.21 -7.36
C VAL A 125 16.13 -16.26 -6.76
N LEU B 4 -23.91 -19.50 12.11
CA LEU B 4 -22.65 -18.75 12.21
C LEU B 4 -21.76 -19.00 10.99
N LYS B 5 -21.10 -17.95 10.50
CA LYS B 5 -20.11 -18.10 9.42
C LYS B 5 -18.86 -18.77 10.01
N PRO B 6 -18.20 -19.63 9.21
CA PRO B 6 -16.99 -20.34 9.67
C PRO B 6 -15.97 -19.46 10.37
N TRP B 7 -15.78 -18.22 9.91
CA TRP B 7 -14.79 -17.35 10.54
C TRP B 7 -15.18 -16.93 11.95
N GLN B 8 -16.48 -16.76 12.18
CA GLN B 8 -16.98 -16.43 13.51
C GLN B 8 -16.71 -17.58 14.51
N LYS B 9 -17.04 -18.81 14.11
CA LYS B 9 -16.73 -19.98 14.94
C LYS B 9 -15.24 -20.03 15.23
N ALA B 10 -14.44 -19.84 14.17
CA ALA B 10 -12.99 -19.93 14.29
C ALA B 10 -12.43 -18.97 15.34
N PHE B 11 -13.00 -17.78 15.40
CA PHE B 11 -12.57 -16.75 16.33
C PHE B 11 -13.03 -17.04 17.77
N ARG B 12 -14.21 -17.63 17.92
CA ARG B 12 -14.75 -17.97 19.25
C ARG B 12 -13.97 -19.12 19.89
N GLN B 13 -13.62 -20.12 19.10
CA GLN B 13 -12.60 -21.10 19.50
C GLN B 13 -11.27 -20.38 19.32
N GLY B 14 -10.15 -21.02 19.63
CA GLY B 14 -8.90 -20.29 19.49
C GLY B 14 -8.23 -20.38 18.13
N ARG B 15 -8.93 -20.90 17.12
CA ARG B 15 -8.31 -21.24 15.83
C ARG B 15 -8.09 -20.01 14.94
N TYR B 16 -7.18 -19.15 15.37
CA TYR B 16 -6.98 -17.85 14.74
C TYR B 16 -6.41 -17.95 13.33
N ALA B 17 -5.51 -18.91 13.12
CA ALA B 17 -4.97 -19.14 11.79
C ALA B 17 -6.10 -19.54 10.84
N ALA B 18 -7.00 -20.39 11.32
CA ALA B 18 -8.10 -20.88 10.48
C ALA B 18 -9.05 -19.73 10.14
N ALA B 19 -9.28 -18.87 11.13
CA ALA B 19 -10.11 -17.68 10.98
C ALA B 19 -9.71 -16.85 9.75
N VAL B 20 -8.43 -16.54 9.65
CA VAL B 20 -7.88 -15.84 8.49
C VAL B 20 -8.16 -16.58 7.19
N ASP B 21 -7.96 -17.88 7.19
CA ASP B 21 -8.26 -18.65 5.99
C ASP B 21 -9.74 -18.54 5.64
N ASP B 22 -10.58 -18.46 6.66
CA ASP B 22 -12.02 -18.36 6.44
C ASP B 22 -12.49 -17.01 5.85
N VAL B 23 -12.06 -15.88 6.41
CA VAL B 23 -12.48 -14.60 5.82
C VAL B 23 -11.90 -14.42 4.41
N LEU B 24 -10.73 -15.00 4.16
CA LEU B 24 -10.07 -14.87 2.86
C LEU B 24 -10.55 -15.90 1.81
N ASN B 25 -11.49 -16.77 2.20
CA ASN B 25 -12.05 -17.75 1.29
C ASN B 25 -13.18 -17.19 0.42
N THR B 26 -12.84 -16.87 -0.83
CA THR B 26 -13.68 -16.06 -1.70
C THR B 26 -14.77 -16.87 -2.36
N THR B 27 -14.67 -18.18 -2.28
CA THR B 27 -15.67 -19.05 -2.90
C THR B 27 -16.66 -19.61 -1.89
N ALA B 28 -16.51 -19.18 -0.63
CA ALA B 28 -17.51 -19.46 0.38
C ALA B 28 -18.76 -18.62 0.09
N PRO B 29 -19.95 -19.21 0.27
CA PRO B 29 -21.24 -18.52 0.07
C PRO B 29 -21.42 -17.25 0.91
N SER B 30 -20.87 -17.26 2.11
CA SER B 30 -21.06 -16.13 3.00
C SER B 30 -19.91 -15.12 2.90
N TYR B 31 -19.00 -15.35 1.95
CA TYR B 31 -17.83 -14.49 1.78
C TYR B 31 -18.20 -13.01 1.57
N ASP B 32 -17.51 -12.14 2.28
CA ASP B 32 -17.69 -10.71 2.09
C ASP B 32 -16.30 -10.13 1.96
N PRO B 33 -15.96 -9.65 0.75
CA PRO B 33 -14.62 -9.09 0.50
C PRO B 33 -14.28 -7.97 1.51
N VAL B 34 -15.30 -7.16 1.84
CA VAL B 34 -15.11 -6.03 2.75
C VAL B 34 -14.72 -6.50 4.13
N ILE B 35 -15.23 -7.66 4.54
CA ILE B 35 -14.85 -8.24 5.81
C ILE B 35 -13.34 -8.59 5.80
N ALA B 36 -12.90 -9.23 4.72
CA ALA B 36 -11.47 -9.54 4.50
C ALA B 36 -10.58 -8.31 4.58
N LEU B 37 -10.94 -7.27 3.83
CA LEU B 37 -10.23 -6.00 3.85
C LEU B 37 -10.25 -5.41 5.25
N THR B 38 -11.42 -5.46 5.89
CA THR B 38 -11.51 -5.00 7.27
C THR B 38 -10.52 -5.70 8.21
N LEU B 39 -10.52 -7.04 8.22
CA LEU B 39 -9.62 -7.78 9.11
C LEU B 39 -8.15 -7.53 8.81
N LEU B 40 -7.78 -7.60 7.52
CA LEU B 40 -6.40 -7.36 7.12
C LEU B 40 -5.93 -5.93 7.43
N THR B 41 -6.80 -4.95 7.23
CA THR B 41 -6.49 -3.57 7.63
C THR B 41 -6.55 -3.36 9.15
N ALA B 42 -7.38 -4.14 9.84
CA ALA B 42 -7.42 -4.09 11.30
C ALA B 42 -6.10 -4.59 11.89
N LEU B 43 -5.58 -5.70 11.34
CA LEU B 43 -4.33 -6.26 11.83
C LEU B 43 -3.16 -5.31 11.60
N ARG B 44 -3.17 -4.62 10.45
CA ARG B 44 -2.12 -3.65 10.13
C ARG B 44 -2.13 -2.51 11.12
N HIS B 45 -3.34 -2.04 11.42
CA HIS B 45 -3.52 -0.94 12.35
C HIS B 45 -2.97 -1.34 13.71
N ARG B 46 -3.13 -2.61 14.06
CA ARG B 46 -2.67 -3.10 15.36
C ARG B 46 -1.23 -3.59 15.34
N SER B 47 -0.53 -3.33 14.24
CA SER B 47 0.86 -3.77 14.06
C SER B 47 1.04 -5.28 14.26
N ALA B 48 0.15 -6.06 13.68
CA ALA B 48 0.18 -7.50 13.86
C ALA B 48 0.01 -8.24 12.54
N LEU B 49 -0.03 -7.49 11.45
CA LEU B 49 -0.21 -8.08 10.12
C LEU B 49 0.87 -9.11 9.83
N ARG B 50 2.12 -8.75 10.11
CA ARG B 50 3.20 -9.69 9.86
C ARG B 50 3.05 -10.94 10.71
N GLU B 51 2.82 -10.74 12.01
CA GLU B 51 2.74 -11.86 12.93
C GLU B 51 1.63 -12.82 12.54
N ALA B 52 0.50 -12.25 12.16
CA ALA B 52 -0.63 -13.05 11.68
C ALA B 52 -0.25 -13.88 10.48
N LEU B 53 0.66 -13.35 9.67
CA LEU B 53 0.98 -13.98 8.41
C LEU B 53 2.08 -15.03 8.53
N GLN B 54 2.80 -15.03 9.66
CA GLN B 54 3.94 -15.95 9.79
C GLN B 54 3.60 -17.28 10.41
N GLY B 55 4.41 -18.29 10.08
CA GLY B 55 4.23 -19.62 10.62
C GLY B 55 3.02 -20.34 10.06
N ARG B 56 2.69 -20.07 8.79
CA ARG B 56 1.57 -20.74 8.15
C ARG B 56 2.05 -21.87 7.23
N ASP B 57 1.18 -22.84 6.96
CA ASP B 57 1.53 -23.89 6.01
C ASP B 57 1.35 -23.40 4.59
N GLU B 58 1.89 -24.15 3.64
CA GLU B 58 1.92 -23.76 2.24
C GLU B 58 0.53 -23.43 1.67
N LEU B 59 -0.52 -24.10 2.17
CA LEU B 59 -1.84 -23.93 1.58
C LEU B 59 -2.46 -22.61 2.01
N SER B 60 -2.21 -22.24 3.26
CA SER B 60 -2.70 -20.96 3.75
C SER B 60 -2.05 -19.82 2.97
N VAL B 61 -0.74 -19.94 2.75
CA VAL B 61 0.03 -18.88 2.10
C VAL B 61 -0.34 -18.68 0.63
N ILE B 62 -0.49 -19.79 -0.09
CA ILE B 62 -0.93 -19.72 -1.48
C ILE B 62 -2.29 -19.05 -1.59
N ASN B 63 -3.24 -19.49 -0.76
CA ASN B 63 -4.54 -18.83 -0.69
C ASN B 63 -4.48 -17.32 -0.36
N ILE B 64 -3.58 -16.91 0.53
CA ILE B 64 -3.46 -15.49 0.83
C ILE B 64 -2.88 -14.71 -0.36
N LEU B 65 -1.82 -15.25 -0.95
CA LEU B 65 -1.25 -14.69 -2.18
C LEU B 65 -2.31 -14.47 -3.25
N ARG B 66 -3.10 -15.51 -3.49
CA ARG B 66 -4.21 -15.48 -4.45
C ARG B 66 -5.26 -14.40 -4.11
N TRP B 67 -5.53 -14.20 -2.83
CA TRP B 67 -6.48 -13.19 -2.44
C TRP B 67 -5.90 -11.82 -2.80
N ALA B 68 -4.68 -11.56 -2.32
CA ALA B 68 -3.96 -10.36 -2.70
C ALA B 68 -4.05 -10.10 -4.22
N GLY B 69 -3.81 -11.15 -5.02
CA GLY B 69 -3.86 -11.03 -6.47
C GLY B 69 -5.21 -10.69 -7.06
N LYS B 70 -6.26 -11.13 -6.38
CA LYS B 70 -7.62 -10.84 -6.83
C LYS B 70 -7.95 -9.37 -6.72
N TYR B 71 -7.34 -8.69 -5.74
CA TYR B 71 -7.81 -7.35 -5.41
C TYR B 71 -6.80 -6.23 -5.61
N VAL B 72 -5.52 -6.60 -5.75
CA VAL B 72 -4.44 -5.62 -5.94
C VAL B 72 -4.78 -4.51 -6.97
N ALA B 73 -5.53 -4.84 -8.01
CA ALA B 73 -5.89 -3.84 -9.01
C ALA B 73 -7.13 -3.01 -8.67
N ASP B 74 -7.64 -3.17 -7.45
CA ASP B 74 -8.80 -2.40 -6.96
C ASP B 74 -8.27 -1.34 -5.98
N PRO B 75 -8.38 -0.06 -6.34
CA PRO B 75 -7.80 1.09 -5.61
C PRO B 75 -8.11 1.11 -4.10
N ARG B 76 -9.16 0.40 -3.70
CA ARG B 76 -9.57 0.31 -2.30
C ARG B 76 -8.82 -0.80 -1.54
N TYR B 77 -8.43 -1.84 -2.27
CA TYR B 77 -7.76 -3.01 -1.69
C TYR B 77 -6.26 -3.00 -1.95
N ARG B 78 -5.82 -2.15 -2.86
CA ARG B 78 -4.46 -2.18 -3.39
C ARG B 78 -3.37 -1.98 -2.34
N SER B 79 -3.59 -1.03 -1.44
CA SER B 79 -2.66 -0.76 -0.35
C SER B 79 -2.39 -2.01 0.50
N ILE B 80 -3.44 -2.67 0.97
CA ILE B 80 -3.24 -3.86 1.79
C ILE B 80 -2.67 -5.03 0.99
N CYS B 81 -3.13 -5.19 -0.27
CA CYS B 81 -2.64 -6.26 -1.14
C CYS B 81 -1.13 -6.12 -1.37
N VAL B 82 -0.72 -4.90 -1.68
CA VAL B 82 0.70 -4.59 -1.79
C VAL B 82 1.45 -4.92 -0.49
N ASP B 83 0.99 -4.39 0.63
CA ASP B 83 1.56 -4.75 1.94
C ASP B 83 1.68 -6.24 2.20
N VAL B 84 0.58 -6.94 2.01
CA VAL B 84 0.53 -8.38 2.22
C VAL B 84 1.54 -9.09 1.33
N ALA B 85 1.63 -8.69 0.06
CA ALA B 85 2.64 -9.24 -0.86
C ALA B 85 4.06 -9.15 -0.31
N PHE B 86 4.50 -7.94 0.01
CA PHE B 86 5.79 -7.68 0.65
C PHE B 86 6.03 -8.40 1.99
N HIS B 87 4.98 -8.54 2.80
CA HIS B 87 5.11 -9.27 4.05
C HIS B 87 5.36 -10.76 3.77
N LEU B 88 4.68 -11.31 2.78
CA LEU B 88 4.82 -12.73 2.48
C LEU B 88 6.15 -13.03 1.82
N ILE B 89 6.71 -12.06 1.10
CA ILE B 89 8.02 -12.21 0.48
C ILE B 89 9.09 -12.38 1.55
N ASP B 90 9.18 -11.39 2.44
CA ASP B 90 10.15 -11.38 3.52
C ASP B 90 10.04 -12.60 4.45
N LEU B 91 8.86 -13.23 4.48
CA LEU B 91 8.61 -14.38 5.35
C LEU B 91 8.85 -15.73 4.67
N TYR B 92 8.45 -15.88 3.43
CA TYR B 92 8.47 -17.21 2.83
C TYR B 92 9.35 -17.37 1.58
N ALA B 93 10.12 -16.34 1.24
CA ALA B 93 11.00 -16.38 0.08
C ALA B 93 12.06 -17.47 0.21
N GLU B 94 12.25 -17.95 1.44
CA GLU B 94 13.20 -19.02 1.71
C GLU B 94 12.58 -20.41 1.55
N HIS B 95 11.25 -20.48 1.48
CA HIS B 95 10.56 -21.77 1.42
C HIS B 95 9.99 -22.09 0.03
N VAL B 96 10.26 -21.22 -0.94
CA VAL B 96 9.86 -21.49 -2.33
C VAL B 96 10.72 -22.59 -2.96
N GLY B 97 11.65 -23.17 -2.18
CA GLY B 97 12.47 -24.26 -2.63
C GLY B 97 11.70 -25.56 -2.75
N GLY B 98 11.08 -25.98 -1.66
CA GLY B 98 10.31 -27.21 -1.64
C GLY B 98 8.90 -27.04 -2.20
N SER B 99 8.76 -26.16 -3.20
CA SER B 99 7.49 -25.93 -3.87
C SER B 99 7.62 -25.11 -5.17
N ALA B 100 7.02 -25.61 -6.24
CA ALA B 100 6.90 -24.84 -7.48
C ALA B 100 5.48 -24.26 -7.59
N GLU B 101 4.60 -24.76 -6.72
CA GLU B 101 3.21 -24.31 -6.65
C GLU B 101 3.15 -22.97 -5.91
N LEU B 102 4.09 -22.79 -4.97
CA LEU B 102 4.18 -21.57 -4.18
C LEU B 102 4.95 -20.48 -4.94
N ALA B 103 5.97 -20.90 -5.67
CA ALA B 103 6.81 -19.97 -6.41
C ALA B 103 6.05 -19.37 -7.58
N THR B 104 5.09 -20.11 -8.11
CA THR B 104 4.27 -19.57 -9.19
C THR B 104 3.31 -18.50 -8.66
N GLN B 105 2.58 -18.82 -7.60
CA GLN B 105 1.64 -17.86 -7.03
C GLN B 105 2.32 -16.53 -6.64
N PHE B 106 3.54 -16.61 -6.13
CA PHE B 106 4.35 -15.43 -5.87
C PHE B 106 4.57 -14.60 -7.13
N GLN B 107 4.97 -15.28 -8.21
CA GLN B 107 5.22 -14.63 -9.49
C GLN B 107 3.96 -13.99 -10.04
N GLN B 108 2.85 -14.72 -9.95
CA GLN B 108 1.57 -14.25 -10.43
C GLN B 108 1.17 -12.98 -9.71
N LEU B 109 1.45 -12.93 -8.41
CA LEU B 109 1.13 -11.75 -7.60
C LEU B 109 2.07 -10.60 -7.92
N LEU B 110 3.36 -10.89 -8.02
CA LEU B 110 4.35 -9.86 -8.32
C LEU B 110 4.13 -9.31 -9.73
N ALA B 111 3.72 -10.17 -10.65
CA ALA B 111 3.44 -9.75 -12.02
C ALA B 111 2.31 -8.74 -11.99
N LYS B 112 1.29 -9.07 -11.19
CA LYS B 112 0.16 -8.18 -10.94
C LYS B 112 0.56 -6.87 -10.25
N VAL B 113 1.45 -6.93 -9.26
CA VAL B 113 1.92 -5.69 -8.66
C VAL B 113 2.71 -4.87 -9.68
N ASN B 114 3.59 -5.53 -10.45
CA ASN B 114 4.40 -4.80 -11.41
C ASN B 114 3.52 -4.10 -12.45
N ARG B 115 2.42 -4.76 -12.77
CA ARG B 115 1.44 -4.16 -13.67
C ARG B 115 0.76 -2.90 -13.08
N GLU B 116 0.51 -2.90 -11.78
CA GLU B 116 -0.03 -1.69 -11.15
C GLU B 116 0.94 -0.52 -11.33
N VAL B 117 2.23 -0.81 -11.13
CA VAL B 117 3.27 0.18 -11.36
C VAL B 117 3.38 0.60 -12.85
N GLU B 118 3.43 -0.40 -13.75
CA GLU B 118 3.45 -0.10 -15.19
C GLU B 118 2.21 0.71 -15.67
N LYS B 119 1.03 0.39 -15.15
CA LYS B 119 -0.15 1.14 -15.51
C LYS B 119 -0.06 2.55 -14.98
N ALA B 120 0.58 2.71 -13.82
CA ALA B 120 0.77 4.04 -13.25
C ALA B 120 1.77 4.85 -14.07
N GLU B 121 2.79 4.18 -14.60
CA GLU B 121 3.76 4.84 -15.47
C GLU B 121 3.11 5.39 -16.74
N LEU B 122 2.25 4.59 -17.39
CA LEU B 122 1.56 5.03 -18.60
C LEU B 122 0.71 6.29 -18.38
N ALA B 123 -0.01 6.33 -17.27
CA ALA B 123 -0.81 7.49 -16.88
C ALA B 123 0.02 8.78 -16.89
N ILE B 124 1.28 8.68 -16.47
CA ILE B 124 2.18 9.82 -16.48
C ILE B 124 2.72 10.10 -17.87
N VAL B 125 3.43 9.14 -18.43
CA VAL B 125 4.17 9.37 -19.67
C VAL B 125 3.29 9.68 -20.88
N THR B 126 2.01 9.31 -20.81
CA THR B 126 1.07 9.58 -21.89
C THR B 126 0.83 11.09 -22.07
N GLY B 127 0.74 11.81 -20.95
CA GLY B 127 0.65 13.26 -20.96
C GLY B 127 1.76 13.91 -21.77
N GLY B 128 2.98 13.40 -21.62
CA GLY B 128 4.11 13.88 -22.40
C GLY B 128 3.93 13.57 -23.87
N VAL B 130 0.90 13.05 -25.40
CA VAL B 130 -0.15 13.91 -25.92
C VAL B 130 0.36 15.34 -26.17
N GLU B 131 1.27 15.79 -25.29
CA GLU B 131 1.90 17.10 -25.40
C GLU B 131 2.63 17.30 -26.74
N SER B 132 3.55 16.38 -27.03
CA SER B 132 4.27 16.35 -28.31
C SER B 132 3.32 16.25 -29.51
N LEU B 133 2.29 15.42 -29.39
CA LEU B 133 1.31 15.18 -30.46
C LEU B 133 0.49 16.41 -30.82
#